data_3OXB
#
_entry.id   3OXB
#
_cell.length_a   84.023
_cell.length_b   84.023
_cell.length_c   197.777
_cell.angle_alpha   90.00
_cell.angle_beta   90.00
_cell.angle_gamma   120.00
#
_symmetry.space_group_name_H-M   'P 32 2 1'
#
loop_
_entity.id
_entity.type
_entity.pdbx_description
1 polymer 'Domain II of glycine riboswitch'
2 polymer 'Domain II of glycine riboswitch'
3 non-polymer 'MAGNESIUM ION'
4 water water
#
loop_
_entity_poly.entity_id
_entity_poly.type
_entity_poly.pdbx_seq_one_letter_code
_entity_poly.pdbx_strand_id
1 'polyribonucleotide'
;(GDP)GCUCUGGAGAGAACCGUUUAAUCGGUCGCCGAAGGAGCAAGCUCUGCGGAAACGCAGAGUGAAACUCCCAGGCAA
AAGGACAGAGU(CCC)
;
A
2 'polyribonucleotide'
;GGCUCUGGAGAGAACCGUUUAAUCGGUCGCCGAAGGAGCAAGCUCUGCGGAAACGCAGAGUGAAACUCCCAGGCAAAAGG
ACAGAGU(CCC)
;
B
#